data_8YRJ
#
_entry.id   8YRJ
#
_cell.length_a   1.00
_cell.length_b   1.00
_cell.length_c   1.00
_cell.angle_alpha   90.00
_cell.angle_beta   90.00
_cell.angle_gamma   90.00
#
_symmetry.space_group_name_H-M   'P 1'
#
loop_
_entity.id
_entity.type
_entity.pdbx_description
1 polymer 'High affinity immunoglobulin epsilon receptor subunit alpha'
2 polymer 'High affinity immunoglobulin epsilon receptor subunit gamma'
3 polymer 'High affinity immunoglobulin epsilon receptor subunit beta'
4 branched beta-D-mannopyranose-(1-4)-2-acetamido-2-deoxy-beta-D-glucopyranose-(1-4)-2-acetamido-2-deoxy-beta-D-glucopyranose
5 non-polymer 2-acetamido-2-deoxy-beta-D-glucopyranose
#
loop_
_entity_poly.entity_id
_entity_poly.type
_entity_poly.pdbx_seq_one_letter_code
_entity_poly.pdbx_strand_id
1 'polypeptide(L)'
;MVTGRSAQLCLALLFMSLDVILTATEKSVLTLDPPWIRIFTGEKVTLSCYGNNHLQMNSTTKWIHNGTVSEVNSSHLVIV
SATVQDSGKYICQKQGLFKSKPVYLNVTQDWLLLQTSADMVLVHGSFDIRCHGWKNWNVRKVIYYRNDHAFNYSYESPVS
IREATLNDSGTYHCKGYLRQVKYESDKFRIAVVKAYKCKYYWLQLIFPLLVAILFAVDTGLLLSTEEQFKSVLEIQKTGK
YKKVETELLTENLYFQGDYKDDDDKHHHHHHHH
;
A
2 'polypeptide(L)'
;MISAVILFLLLLVEQAAALGEPQLCYILDAVLFLYGIVLTLLYCRLKIQVRKAAIASREKADAVYTGLNTRSQETYETLK
HEKPPQWSHPQFEKEQKLISEEDL
;
G,H
3 'polypeptide(L)'
;MDTENRSRADLALPNPQESSSAPDIELLEASPAKAAPPKQTWRTFLKKELEFLGATQILVGLICLCFGTIVCSVLYVSDF
DEEVLLLYKLGYPFWGAVLFVLSGFLSIISERKNTLYLVRGSLGANIVSSIAAGTGIAMLILNLTNNFAYMNNCKNVTED
DGCFVASFTTELVLMMLFLTILAFCSAVLFTIYRIGQELESKKVPDDRLYEELNVYSPIYSELEDKGETSSPVDSEQKLI
SEEDL
;
B
#
loop_
_chem_comp.id
_chem_comp.type
_chem_comp.name
_chem_comp.formula
BMA D-saccharide, beta linking beta-D-mannopyranose 'C6 H12 O6'
NAG D-saccharide, beta linking 2-acetamido-2-deoxy-beta-D-glucopyranose 'C8 H15 N O6'
#
# COMPACT_ATOMS: atom_id res chain seq x y z
N ALA A 24 18.61 15.87 -5.00
CA ALA A 24 17.55 14.88 -4.85
C ALA A 24 16.80 14.67 -6.17
N THR A 25 16.32 13.45 -6.38
CA THR A 25 15.56 13.14 -7.59
C THR A 25 14.24 13.89 -7.60
N GLU A 26 13.79 14.26 -8.80
CA GLU A 26 12.57 15.01 -8.99
C GLU A 26 11.58 14.20 -9.82
N LYS A 27 10.35 14.68 -9.85
CA LYS A 27 9.28 14.07 -10.64
C LYS A 27 9.40 14.49 -12.10
N SER A 28 8.87 13.64 -12.98
CA SER A 28 8.87 13.88 -14.41
C SER A 28 7.45 14.16 -14.89
N VAL A 29 7.35 14.93 -15.98
CA VAL A 29 6.07 15.27 -16.57
C VAL A 29 6.14 15.02 -18.07
N LEU A 30 5.04 14.54 -18.64
CA LEU A 30 4.94 14.27 -20.06
C LEU A 30 3.94 15.22 -20.70
N THR A 31 4.34 15.82 -21.81
CA THR A 31 3.51 16.79 -22.54
C THR A 31 3.28 16.29 -23.96
N LEU A 32 2.11 16.62 -24.50
CA LEU A 32 1.74 16.20 -25.84
C LEU A 32 1.68 17.41 -26.77
N ASP A 33 2.12 17.19 -28.01
CA ASP A 33 2.08 18.22 -29.05
C ASP A 33 1.45 17.62 -30.31
N PRO A 34 0.16 17.89 -30.57
CA PRO A 34 -0.76 18.76 -29.82
C PRO A 34 -1.20 18.14 -28.49
N PRO A 35 -1.65 18.97 -27.53
CA PRO A 35 -1.98 18.44 -26.20
C PRO A 35 -3.27 17.62 -26.16
N TRP A 36 -3.91 17.45 -27.32
CA TRP A 36 -5.12 16.64 -27.39
C TRP A 36 -4.79 15.17 -27.21
N ILE A 37 -5.36 14.55 -26.18
CA ILE A 37 -5.12 13.13 -25.93
C ILE A 37 -5.86 12.23 -26.91
N ARG A 38 -6.81 12.78 -27.66
CA ARG A 38 -7.55 12.03 -28.68
C ARG A 38 -7.17 12.58 -30.05
N ILE A 39 -6.65 11.70 -30.92
CA ILE A 39 -6.20 12.08 -32.24
C ILE A 39 -6.74 11.08 -33.26
N PHE A 40 -6.68 11.47 -34.53
CA PHE A 40 -7.11 10.63 -35.62
C PHE A 40 -5.98 9.72 -36.09
N THR A 41 -6.35 8.70 -36.86
CA THR A 41 -5.36 7.79 -37.42
C THR A 41 -4.51 8.50 -38.47
N GLY A 42 -3.20 8.27 -38.41
CA GLY A 42 -2.28 8.88 -39.33
C GLY A 42 -1.79 10.26 -38.93
N GLU A 43 -2.32 10.84 -37.86
CA GLU A 43 -1.89 12.16 -37.42
C GLU A 43 -0.52 12.08 -36.76
N LYS A 44 0.18 13.21 -36.74
CA LYS A 44 1.50 13.31 -36.14
C LYS A 44 1.39 13.89 -34.74
N VAL A 45 1.90 13.15 -33.76
CA VAL A 45 1.88 13.58 -32.36
C VAL A 45 3.27 13.42 -31.79
N THR A 46 3.71 14.43 -31.04
CA THR A 46 5.03 14.44 -30.41
C THR A 46 4.86 14.39 -28.89
N LEU A 47 5.48 13.41 -28.25
CA LEU A 47 5.46 13.26 -26.81
C LEU A 47 6.79 13.75 -26.24
N SER A 48 6.75 14.82 -25.47
CA SER A 48 7.94 15.42 -24.88
C SER A 48 7.97 15.12 -23.39
N CYS A 49 9.11 14.63 -22.91
CA CYS A 49 9.29 14.25 -21.51
C CYS A 49 10.44 15.07 -20.94
N TYR A 50 10.14 16.26 -20.43
CA TYR A 50 11.12 17.12 -19.76
C TYR A 50 10.66 17.29 -18.31
N GLY A 51 11.29 16.55 -17.40
CA GLY A 51 10.93 16.59 -16.00
C GLY A 51 12.07 17.10 -15.13
N ASN A 52 12.71 18.17 -15.58
CA ASN A 52 13.92 18.71 -14.95
C ASN A 52 15.06 17.70 -15.03
N ASN A 53 15.31 17.21 -16.25
CA ASN A 53 16.40 16.27 -16.50
C ASN A 53 17.76 16.94 -16.50
N HIS A 54 17.82 18.26 -16.40
CA HIS A 54 19.07 19.01 -16.49
C HIS A 54 19.80 19.12 -15.15
N LEU A 55 19.56 18.18 -14.22
CA LEU A 55 20.28 18.19 -12.96
C LEU A 55 21.78 18.05 -13.19
N GLN A 56 22.19 17.15 -14.08
CA GLN A 56 23.58 17.06 -14.50
C GLN A 56 23.64 16.33 -15.83
N MET A 57 24.26 16.97 -16.84
CA MET A 57 24.48 16.38 -18.15
C MET A 57 23.18 16.02 -18.88
N ASN A 58 23.29 15.64 -20.14
CA ASN A 58 22.15 15.10 -20.87
C ASN A 58 22.05 13.59 -20.64
N SER A 59 20.83 13.08 -20.78
CA SER A 59 20.59 11.66 -20.51
C SER A 59 19.47 11.16 -21.41
N THR A 60 19.37 9.84 -21.52
CA THR A 60 18.36 9.19 -22.34
C THR A 60 17.03 9.14 -21.59
N THR A 61 16.05 8.45 -22.17
CA THR A 61 14.72 8.37 -21.59
C THR A 61 14.21 6.93 -21.70
N LYS A 62 13.32 6.56 -20.78
CA LYS A 62 12.69 5.25 -20.78
C LYS A 62 11.21 5.41 -21.08
N TRP A 63 10.73 4.71 -22.10
CA TRP A 63 9.34 4.79 -22.54
C TRP A 63 8.68 3.43 -22.34
N ILE A 64 7.50 3.44 -21.71
CA ILE A 64 6.74 2.22 -21.44
C ILE A 64 5.38 2.35 -22.11
N HIS A 65 5.01 1.35 -22.91
CA HIS A 65 3.71 1.32 -23.57
C HIS A 65 3.12 -0.07 -23.38
N ASN A 66 2.05 -0.16 -22.59
CA ASN A 66 1.46 -1.44 -22.20
C ASN A 66 2.53 -2.37 -21.60
N GLY A 67 3.25 -1.86 -20.62
CA GLY A 67 4.24 -2.66 -19.92
C GLY A 67 5.40 -3.12 -20.77
N THR A 68 5.63 -2.48 -21.91
CA THR A 68 6.71 -2.87 -22.82
C THR A 68 7.72 -1.73 -22.92
N VAL A 69 8.99 -2.05 -22.73
CA VAL A 69 10.05 -1.06 -22.82
C VAL A 69 10.44 -0.88 -24.28
N SER A 70 9.89 0.14 -24.92
CA SER A 70 10.19 0.37 -26.33
C SER A 70 11.64 0.82 -26.51
N GLU A 71 12.16 0.57 -27.72
CA GLU A 71 13.54 0.92 -28.03
C GLU A 71 13.66 2.39 -28.42
N VAL A 72 13.14 3.28 -27.58
CA VAL A 72 13.23 4.71 -27.79
C VAL A 72 13.84 5.34 -26.55
N ASN A 73 14.89 6.13 -26.74
CA ASN A 73 15.59 6.80 -25.64
C ASN A 73 15.85 8.25 -25.99
N SER A 74 14.81 8.93 -26.51
CA SER A 74 14.89 10.33 -26.87
C SER A 74 13.92 11.15 -26.02
N SER A 75 14.26 12.42 -25.83
CA SER A 75 13.38 13.30 -25.05
C SER A 75 12.03 13.46 -25.72
N HIS A 76 12.01 13.59 -27.04
CA HIS A 76 10.77 13.75 -27.81
C HIS A 76 10.56 12.51 -28.66
N LEU A 77 9.39 11.89 -28.51
CA LEU A 77 8.99 10.73 -29.31
C LEU A 77 7.98 11.20 -30.35
N VAL A 78 8.26 10.91 -31.61
CA VAL A 78 7.44 11.37 -32.73
C VAL A 78 6.77 10.16 -33.38
N ILE A 79 5.45 10.22 -33.52
CA ILE A 79 4.68 9.21 -34.22
C ILE A 79 4.12 9.88 -35.47
N VAL A 80 4.78 9.67 -36.60
CA VAL A 80 4.40 10.36 -37.84
C VAL A 80 3.01 9.91 -38.28
N SER A 81 2.75 8.61 -38.24
CA SER A 81 1.48 8.04 -38.69
C SER A 81 0.88 7.27 -37.52
N ALA A 82 0.01 7.92 -36.76
CA ALA A 82 -0.66 7.27 -35.64
C ALA A 82 -1.64 6.21 -36.16
N THR A 83 -1.63 5.05 -35.50
CA THR A 83 -2.48 3.94 -35.86
C THR A 83 -3.37 3.56 -34.68
N VAL A 84 -4.22 2.55 -34.90
CA VAL A 84 -5.08 2.08 -33.83
C VAL A 84 -4.24 1.41 -32.74
N GLN A 85 -3.18 0.70 -33.12
CA GLN A 85 -2.32 0.04 -32.16
C GLN A 85 -1.51 1.03 -31.32
N ASP A 86 -1.37 2.28 -31.78
CA ASP A 86 -0.63 3.27 -31.03
C ASP A 86 -1.32 3.66 -29.72
N SER A 87 -2.63 3.47 -29.64
CA SER A 87 -3.36 3.78 -28.42
C SER A 87 -2.94 2.86 -27.28
N GLY A 88 -2.92 3.40 -26.08
CA GLY A 88 -2.55 2.64 -24.90
C GLY A 88 -2.09 3.56 -23.79
N LYS A 89 -1.35 2.96 -22.85
CA LYS A 89 -0.83 3.66 -21.69
C LYS A 89 0.63 4.01 -21.91
N TYR A 90 0.95 5.30 -21.83
CA TYR A 90 2.30 5.80 -22.09
C TYR A 90 2.87 6.38 -20.80
N ILE A 91 4.07 5.91 -20.43
CA ILE A 91 4.78 6.38 -19.27
C ILE A 91 6.22 6.69 -19.68
N CYS A 92 6.69 7.89 -19.35
CA CYS A 92 8.05 8.30 -19.63
C CYS A 92 8.82 8.47 -18.32
N GLN A 93 10.10 8.12 -18.37
CA GLN A 93 10.95 8.17 -17.18
C GLN A 93 12.36 8.57 -17.60
N LYS A 94 12.88 9.62 -16.98
CA LYS A 94 14.25 10.05 -17.21
C LYS A 94 15.19 9.34 -16.24
N GLN A 95 16.42 9.13 -16.68
CA GLN A 95 17.41 8.48 -15.83
C GLN A 95 17.70 9.33 -14.60
N GLY A 96 17.66 8.70 -13.43
CA GLY A 96 17.80 9.40 -12.17
C GLY A 96 16.53 10.07 -11.67
N LEU A 97 15.42 9.94 -12.39
CA LEU A 97 14.16 10.54 -12.02
C LEU A 97 13.07 9.48 -12.02
N PHE A 98 12.02 9.74 -11.26
CA PHE A 98 10.91 8.80 -11.16
C PHE A 98 10.03 8.88 -12.40
N LYS A 99 9.19 7.86 -12.56
CA LYS A 99 8.31 7.78 -13.72
C LYS A 99 7.26 8.88 -13.68
N SER A 100 6.93 9.40 -14.86
CA SER A 100 5.98 10.50 -14.97
C SER A 100 4.55 9.98 -14.87
N LYS A 101 3.60 10.91 -14.88
CA LYS A 101 2.20 10.53 -14.83
C LYS A 101 1.81 9.81 -16.12
N PRO A 102 1.02 8.75 -16.04
CA PRO A 102 0.62 8.03 -17.25
C PRO A 102 -0.30 8.89 -18.13
N VAL A 103 -0.20 8.66 -19.43
CA VAL A 103 -1.02 9.35 -20.42
C VAL A 103 -1.76 8.31 -21.24
N TYR A 104 -3.09 8.45 -21.31
CA TYR A 104 -3.94 7.50 -22.03
C TYR A 104 -4.24 8.10 -23.40
N LEU A 105 -3.62 7.54 -24.43
CA LEU A 105 -3.84 7.97 -25.80
C LEU A 105 -4.97 7.17 -26.42
N ASN A 106 -5.91 7.87 -27.05
CA ASN A 106 -7.08 7.25 -27.67
C ASN A 106 -7.14 7.69 -29.13
N VAL A 107 -7.02 6.73 -30.04
CA VAL A 107 -7.06 6.98 -31.48
C VAL A 107 -8.23 6.20 -32.06
N THR A 108 -9.08 6.88 -32.82
CA THR A 108 -10.24 6.28 -33.44
C THR A 108 -10.21 6.59 -34.95
N GLN A 109 -11.27 6.18 -35.64
CA GLN A 109 -11.39 6.38 -37.07
C GLN A 109 -12.79 6.88 -37.43
N ASP A 110 -13.29 7.83 -36.65
CA ASP A 110 -14.62 8.39 -36.89
C ASP A 110 -14.53 9.64 -37.76
N TRP A 111 -15.67 10.03 -38.33
CA TRP A 111 -15.72 11.24 -39.14
C TRP A 111 -15.45 12.47 -38.30
N LEU A 112 -16.01 12.53 -37.09
CA LEU A 112 -15.86 13.67 -36.21
C LEU A 112 -15.39 13.20 -34.84
N LEU A 113 -14.48 13.96 -34.23
CA LEU A 113 -13.91 13.61 -32.94
C LEU A 113 -13.92 14.83 -32.02
N LEU A 114 -14.10 14.56 -30.73
CA LEU A 114 -14.07 15.59 -29.69
C LEU A 114 -12.76 15.43 -28.93
N GLN A 115 -11.76 16.23 -29.30
CA GLN A 115 -10.48 16.18 -28.62
C GLN A 115 -10.53 16.95 -27.31
N THR A 116 -9.90 16.37 -26.29
CA THR A 116 -9.86 16.98 -24.97
C THR A 116 -8.43 17.00 -24.45
N SER A 117 -8.11 18.02 -23.65
CA SER A 117 -6.77 18.13 -23.10
C SER A 117 -6.51 17.06 -22.04
N ALA A 118 -7.53 16.72 -21.26
CA ALA A 118 -7.40 15.72 -20.21
C ALA A 118 -8.74 15.07 -19.96
N ASP A 119 -8.71 13.90 -19.34
CA ASP A 119 -9.92 13.16 -19.01
C ASP A 119 -10.41 13.39 -17.59
N MET A 120 -9.52 13.69 -16.65
CA MET A 120 -9.89 13.97 -15.27
C MET A 120 -9.35 15.33 -14.87
N VAL A 121 -10.22 16.21 -14.40
CA VAL A 121 -9.88 17.58 -14.04
C VAL A 121 -10.26 17.82 -12.59
N LEU A 122 -9.35 18.42 -11.83
CA LEU A 122 -9.61 18.73 -10.44
C LEU A 122 -10.53 19.95 -10.31
N VAL A 123 -10.90 20.25 -9.07
CA VAL A 123 -11.76 21.40 -8.80
C VAL A 123 -11.01 22.68 -9.16
N HIS A 124 -11.73 23.65 -9.74
CA HIS A 124 -11.18 24.94 -10.17
C HIS A 124 -10.09 24.78 -11.21
N GLY A 125 -10.05 23.65 -11.92
CA GLY A 125 -9.08 23.42 -12.96
C GLY A 125 -9.54 23.93 -14.31
N SER A 126 -8.65 23.76 -15.29
CA SER A 126 -8.92 24.20 -16.66
C SER A 126 -8.55 23.08 -17.63
N PHE A 127 -9.44 22.84 -18.59
CA PHE A 127 -9.20 21.83 -19.62
C PHE A 127 -9.77 22.33 -20.93
N ASP A 128 -9.12 21.97 -22.03
CA ASP A 128 -9.49 22.44 -23.35
C ASP A 128 -10.17 21.33 -24.13
N ILE A 129 -11.29 21.68 -24.78
CA ILE A 129 -12.04 20.75 -25.63
C ILE A 129 -12.19 21.38 -27.01
N ARG A 130 -11.92 20.59 -28.04
CA ARG A 130 -12.00 21.08 -29.42
C ARG A 130 -12.54 19.97 -30.31
N CYS A 131 -13.45 20.35 -31.21
CA CYS A 131 -14.02 19.42 -32.17
C CYS A 131 -13.20 19.45 -33.46
N HIS A 132 -12.73 18.29 -33.89
CA HIS A 132 -11.84 18.19 -35.04
C HIS A 132 -12.45 17.28 -36.09
N GLY A 133 -12.20 17.63 -37.37
CA GLY A 133 -12.70 16.88 -38.50
C GLY A 133 -11.62 15.98 -39.09
N TRP A 134 -12.07 15.11 -39.99
CA TRP A 134 -11.17 14.16 -40.63
C TRP A 134 -10.21 14.87 -41.57
N LYS A 135 -8.91 14.56 -41.45
CA LYS A 135 -7.87 15.14 -42.29
C LYS A 135 -7.86 16.67 -42.21
N ASN A 136 -8.15 17.19 -41.02
CA ASN A 136 -8.15 18.63 -40.76
C ASN A 136 -9.07 19.38 -41.72
N TRP A 137 -10.22 18.79 -42.03
CA TRP A 137 -11.18 19.43 -42.90
C TRP A 137 -11.88 20.57 -42.17
N ASN A 138 -12.49 21.47 -42.95
CA ASN A 138 -13.17 22.62 -42.37
C ASN A 138 -14.42 22.17 -41.63
N VAL A 139 -14.55 22.61 -40.38
CA VAL A 139 -15.69 22.29 -39.54
C VAL A 139 -16.33 23.59 -39.10
N ARG A 140 -17.64 23.72 -39.32
CA ARG A 140 -18.37 24.95 -39.02
C ARG A 140 -19.67 24.60 -38.31
N LYS A 141 -20.17 25.57 -37.54
CA LYS A 141 -21.43 25.44 -36.81
C LYS A 141 -21.43 24.22 -35.91
N VAL A 142 -20.52 24.23 -34.93
CA VAL A 142 -20.33 23.11 -34.01
C VAL A 142 -21.10 23.40 -32.72
N ILE A 143 -21.88 22.42 -32.28
CA ILE A 143 -22.64 22.52 -31.05
C ILE A 143 -22.15 21.45 -30.09
N TYR A 144 -21.81 21.84 -28.87
CA TYR A 144 -21.27 20.94 -27.87
C TYR A 144 -22.34 20.58 -26.86
N TYR A 145 -22.55 19.28 -26.65
CA TYR A 145 -23.59 18.78 -25.77
C TYR A 145 -22.96 18.09 -24.56
N ARG A 146 -23.40 18.47 -23.37
CA ARG A 146 -22.99 17.82 -22.13
C ARG A 146 -24.18 17.09 -21.54
N ASN A 147 -24.01 15.79 -21.28
CA ASN A 147 -25.09 14.94 -20.77
C ASN A 147 -26.33 15.05 -21.67
N ASP A 148 -26.10 14.98 -22.98
CA ASP A 148 -27.15 15.11 -23.99
C ASP A 148 -27.88 16.45 -23.87
N HIS A 149 -27.17 17.50 -23.46
CA HIS A 149 -27.71 18.84 -23.33
C HIS A 149 -26.69 19.83 -23.82
N ALA A 150 -27.08 20.65 -24.80
CA ALA A 150 -26.17 21.65 -25.34
C ALA A 150 -25.89 22.75 -24.32
N PHE A 151 -24.64 23.18 -24.26
CA PHE A 151 -24.22 24.24 -23.35
C PHE A 151 -23.49 25.39 -24.02
N ASN A 152 -22.92 25.19 -25.21
CA ASN A 152 -22.20 26.24 -25.91
C ASN A 152 -22.21 25.94 -27.40
N TYR A 153 -22.38 27.00 -28.21
CA TYR A 153 -22.35 26.90 -29.66
C TYR A 153 -21.16 27.70 -30.15
N SER A 154 -20.16 27.01 -30.70
CA SER A 154 -18.92 27.62 -31.16
C SER A 154 -18.80 27.48 -32.66
N TYR A 155 -18.43 28.57 -33.33
CA TYR A 155 -18.24 28.54 -34.78
C TYR A 155 -16.97 27.80 -35.15
N GLU A 156 -15.82 28.30 -34.70
CA GLU A 156 -14.55 27.62 -34.91
C GLU A 156 -13.63 27.64 -33.71
N SER A 157 -13.86 28.51 -32.71
CA SER A 157 -12.98 28.63 -31.56
C SER A 157 -13.20 27.47 -30.59
N PRO A 158 -12.15 27.09 -29.86
CA PRO A 158 -12.31 26.04 -28.83
C PRO A 158 -13.20 26.52 -27.70
N VAL A 159 -13.63 25.55 -26.89
CA VAL A 159 -14.52 25.81 -25.77
C VAL A 159 -13.82 25.46 -24.46
N SER A 160 -12.54 25.83 -24.35
CA SER A 160 -11.78 25.61 -23.13
C SER A 160 -12.50 26.24 -21.94
N ILE A 161 -12.73 25.42 -20.91
CA ILE A 161 -13.44 25.84 -19.70
C ILE A 161 -12.42 26.08 -18.60
N ARG A 162 -12.52 27.22 -17.94
CA ARG A 162 -11.68 27.56 -16.80
C ARG A 162 -12.47 27.46 -15.50
N GLU A 163 -11.78 27.14 -14.42
CA GLU A 163 -12.37 26.99 -13.09
C GLU A 163 -13.48 25.94 -13.11
N ALA A 164 -13.11 24.72 -13.51
CA ALA A 164 -14.06 23.63 -13.58
C ALA A 164 -14.52 23.22 -12.18
N THR A 165 -15.81 22.91 -12.07
CA THR A 165 -16.43 22.51 -10.81
C THR A 165 -16.98 21.09 -10.94
N LEU A 166 -17.66 20.64 -9.89
CA LEU A 166 -18.24 19.30 -9.90
C LEU A 166 -19.34 19.16 -10.94
N ASN A 167 -19.97 20.28 -11.31
CA ASN A 167 -21.07 20.24 -12.28
C ASN A 167 -20.58 20.06 -13.71
N ASP A 168 -19.28 20.17 -13.97
CA ASP A 168 -18.75 19.94 -15.30
C ASP A 168 -18.53 18.46 -15.61
N SER A 169 -18.62 17.59 -14.61
CA SER A 169 -18.48 16.16 -14.83
C SER A 169 -19.66 15.62 -15.63
N GLY A 170 -19.38 14.74 -16.57
CA GLY A 170 -20.41 14.12 -17.37
C GLY A 170 -19.85 13.65 -18.70
N THR A 171 -20.76 13.42 -19.63
CA THR A 171 -20.42 12.95 -20.97
C THR A 171 -20.52 14.10 -21.96
N TYR A 172 -19.49 14.27 -22.78
CA TYR A 172 -19.43 15.35 -23.76
C TYR A 172 -19.31 14.78 -25.16
N HIS A 173 -19.94 15.46 -26.11
CA HIS A 173 -19.83 15.12 -27.52
C HIS A 173 -20.16 16.36 -28.35
N CYS A 174 -19.43 16.56 -29.43
CA CYS A 174 -19.59 17.72 -30.29
C CYS A 174 -20.22 17.32 -31.61
N LYS A 175 -21.21 18.10 -32.05
CA LYS A 175 -21.89 17.90 -33.32
C LYS A 175 -21.58 19.08 -34.23
N GLY A 176 -21.01 18.81 -35.39
CA GLY A 176 -20.62 19.86 -36.31
C GLY A 176 -20.95 19.56 -37.75
N TYR A 177 -20.42 20.37 -38.66
CA TYR A 177 -20.67 20.23 -40.10
C TYR A 177 -19.34 20.02 -40.81
N LEU A 178 -19.14 18.82 -41.35
CA LEU A 178 -17.99 18.56 -42.21
C LEU A 178 -18.32 19.06 -43.61
N ARG A 179 -17.61 20.09 -44.06
CA ARG A 179 -17.94 20.80 -45.30
C ARG A 179 -19.37 21.32 -45.21
N GLN A 180 -20.32 20.56 -45.76
CA GLN A 180 -21.74 20.91 -45.68
C GLN A 180 -22.57 19.69 -45.31
N VAL A 181 -21.99 18.74 -44.57
CA VAL A 181 -22.67 17.53 -44.16
C VAL A 181 -22.66 17.46 -42.64
N LYS A 182 -23.83 17.21 -42.05
CA LYS A 182 -23.95 17.15 -40.59
C LYS A 182 -23.40 15.83 -40.07
N TYR A 183 -22.57 15.91 -39.02
CA TYR A 183 -22.00 14.74 -38.40
C TYR A 183 -22.01 14.90 -36.89
N GLU A 184 -22.00 13.78 -36.18
CA GLU A 184 -21.97 13.75 -34.73
C GLU A 184 -20.79 12.91 -34.27
N SER A 185 -20.01 13.46 -33.34
CA SER A 185 -18.85 12.76 -32.82
C SER A 185 -19.25 11.74 -31.75
N ASP A 186 -18.34 10.82 -31.47
CA ASP A 186 -18.58 9.82 -30.44
C ASP A 186 -18.61 10.45 -29.07
N LYS A 187 -19.47 9.92 -28.19
CA LYS A 187 -19.59 10.44 -26.84
C LYS A 187 -18.36 10.04 -26.02
N PHE A 188 -17.80 11.01 -25.30
CA PHE A 188 -16.66 10.79 -24.43
C PHE A 188 -17.01 11.28 -23.02
N ARG A 189 -16.65 10.49 -22.02
CA ARG A 189 -16.96 10.82 -20.63
C ARG A 189 -15.76 11.50 -19.97
N ILE A 190 -15.98 12.70 -19.45
CA ILE A 190 -14.96 13.46 -18.75
C ILE A 190 -15.42 13.61 -17.30
N ALA A 191 -14.59 13.15 -16.37
CA ALA A 191 -14.92 13.18 -14.95
C ALA A 191 -14.20 14.36 -14.30
N VAL A 192 -14.96 15.33 -13.82
CA VAL A 192 -14.43 16.48 -13.10
C VAL A 192 -14.84 16.31 -11.65
N VAL A 193 -13.89 15.88 -10.82
CA VAL A 193 -14.16 15.57 -9.42
C VAL A 193 -13.09 16.20 -8.54
N LYS A 194 -13.17 15.96 -7.24
CA LYS A 194 -12.22 16.51 -6.28
C LYS A 194 -10.91 15.71 -6.35
N ALA A 195 -10.08 15.86 -5.33
CA ALA A 195 -8.79 15.16 -5.29
C ALA A 195 -8.95 13.65 -5.11
N TYR A 196 -10.18 13.14 -5.01
CA TYR A 196 -10.42 11.70 -4.84
C TYR A 196 -10.27 11.00 -6.19
N LYS A 197 -9.02 10.95 -6.67
CA LYS A 197 -8.73 10.23 -7.90
C LYS A 197 -9.04 8.74 -7.75
N CYS A 198 -8.58 8.15 -6.64
CA CYS A 198 -8.90 6.79 -6.24
C CYS A 198 -8.39 5.72 -7.20
N LYS A 199 -8.27 4.49 -6.71
CA LYS A 199 -7.84 3.31 -7.43
C LYS A 199 -7.56 2.19 -6.43
N TYR A 200 -6.74 2.50 -5.42
CA TYR A 200 -6.41 1.56 -4.36
C TYR A 200 -7.02 1.97 -3.02
N TYR A 201 -8.20 2.58 -3.05
CA TYR A 201 -8.88 2.90 -1.80
C TYR A 201 -9.29 1.65 -1.04
N TRP A 202 -9.44 0.51 -1.72
CA TRP A 202 -9.62 -0.74 -1.01
C TRP A 202 -8.34 -1.18 -0.29
N LEU A 203 -7.18 -0.73 -0.76
CA LEU A 203 -5.95 -0.96 -0.02
C LEU A 203 -5.90 -0.10 1.25
N GLN A 204 -6.68 0.98 1.28
CA GLN A 204 -6.86 1.71 2.52
C GLN A 204 -7.71 0.94 3.52
N LEU A 205 -8.47 -0.04 3.07
CA LEU A 205 -9.16 -0.96 3.95
C LEU A 205 -8.28 -2.13 4.39
N ILE A 206 -7.06 -2.22 3.86
CA ILE A 206 -6.16 -3.31 4.23
C ILE A 206 -5.80 -3.24 5.70
N PHE A 207 -5.49 -2.04 6.20
CA PHE A 207 -5.19 -1.89 7.61
C PHE A 207 -6.41 -2.22 8.47
N PRO A 208 -7.60 -1.68 8.19
CA PRO A 208 -8.78 -2.11 8.96
C PRO A 208 -9.06 -3.61 8.86
N LEU A 209 -8.90 -4.20 7.68
CA LEU A 209 -9.15 -5.63 7.53
C LEU A 209 -8.14 -6.44 8.35
N LEU A 210 -6.88 -6.04 8.32
CA LEU A 210 -5.85 -6.74 9.07
C LEU A 210 -6.08 -6.64 10.57
N VAL A 211 -6.43 -5.44 11.05
CA VAL A 211 -6.65 -5.28 12.49
C VAL A 211 -7.93 -6.01 12.92
N ALA A 212 -8.92 -6.09 12.03
CA ALA A 212 -10.12 -6.85 12.33
C ALA A 212 -9.81 -8.35 12.42
N ILE A 213 -8.99 -8.85 11.49
CA ILE A 213 -8.58 -10.26 11.53
C ILE A 213 -7.78 -10.53 12.80
N LEU A 214 -6.89 -9.60 13.15
CA LEU A 214 -6.10 -9.74 14.36
C LEU A 214 -6.99 -9.73 15.61
N PHE A 215 -8.02 -8.89 15.62
CA PHE A 215 -8.96 -8.88 16.74
C PHE A 215 -9.78 -10.16 16.81
N ALA A 216 -10.15 -10.73 15.66
CA ALA A 216 -10.82 -12.02 15.66
C ALA A 216 -9.92 -13.11 16.21
N VAL A 217 -8.64 -13.09 15.83
CA VAL A 217 -7.68 -14.05 16.38
C VAL A 217 -7.55 -13.86 17.89
N ASP A 218 -7.51 -12.61 18.35
CA ASP A 218 -7.43 -12.33 19.77
C ASP A 218 -8.69 -12.82 20.50
N THR A 219 -9.85 -12.67 19.88
CA THR A 219 -11.08 -13.17 20.47
C THR A 219 -11.06 -14.69 20.59
N GLY A 220 -10.60 -15.38 19.54
CA GLY A 220 -10.45 -16.83 19.63
C GLY A 220 -9.46 -17.24 20.70
N LEU A 221 -8.35 -16.52 20.82
CA LEU A 221 -7.38 -16.80 21.86
C LEU A 221 -7.98 -16.58 23.24
N LEU A 222 -8.79 -15.54 23.40
CA LEU A 222 -9.46 -15.29 24.67
C LEU A 222 -10.45 -16.40 25.00
N LEU A 223 -11.19 -16.87 23.99
CA LEU A 223 -12.12 -17.97 24.22
C LEU A 223 -11.38 -19.23 24.67
N SER A 224 -10.29 -19.56 23.97
CA SER A 224 -9.50 -20.73 24.37
C SER A 224 -8.90 -20.54 25.76
N THR A 225 -8.42 -19.33 26.06
CA THR A 225 -7.81 -19.05 27.36
C THR A 225 -8.84 -19.19 28.48
N GLU A 226 -10.05 -18.68 28.29
CA GLU A 226 -11.05 -18.78 29.34
C GLU A 226 -11.57 -20.22 29.49
N GLU A 227 -11.68 -20.96 28.38
CA GLU A 227 -12.05 -22.37 28.49
C GLU A 227 -10.99 -23.15 29.26
N GLN A 228 -9.72 -22.92 28.94
CA GLN A 228 -8.64 -23.60 29.67
C GLN A 228 -8.57 -23.14 31.12
N PHE A 229 -8.86 -21.87 31.39
CA PHE A 229 -8.89 -21.39 32.76
C PHE A 229 -9.99 -22.06 33.57
N LYS A 230 -11.18 -22.20 32.99
CA LYS A 230 -12.25 -22.93 33.67
C LYS A 230 -11.86 -24.39 33.88
N SER A 231 -11.24 -25.01 32.88
CA SER A 231 -10.83 -26.41 33.02
C SER A 231 -9.81 -26.57 34.15
N VAL A 232 -8.81 -25.69 34.21
CA VAL A 232 -7.80 -25.81 35.25
C VAL A 232 -8.39 -25.45 36.61
N LEU A 233 -9.36 -24.53 36.65
CA LEU A 233 -10.04 -24.23 37.90
C LEU A 233 -10.79 -25.45 38.43
N GLU A 234 -11.42 -26.20 37.53
CA GLU A 234 -11.97 -27.50 37.93
C GLU A 234 -10.89 -28.52 38.21
N ILE A 235 -9.66 -28.28 37.75
CA ILE A 235 -8.55 -29.20 37.99
C ILE A 235 -7.76 -28.82 39.23
N GLN A 236 -7.36 -27.56 39.36
CA GLN A 236 -6.51 -27.12 40.47
C GLN A 236 -7.31 -26.68 41.68
N LYS A 237 -8.61 -26.96 41.71
CA LYS A 237 -9.45 -26.60 42.85
C LYS A 237 -8.99 -27.30 44.13
N PRO B 22 -13.42 7.50 4.27
CA PRO B 22 -13.59 8.45 5.37
C PRO B 22 -14.57 7.95 6.43
N GLN B 23 -15.87 8.05 6.13
CA GLN B 23 -16.89 7.59 7.08
C GLN B 23 -16.80 6.09 7.33
N LEU B 24 -16.43 5.32 6.30
CA LEU B 24 -16.31 3.88 6.46
C LEU B 24 -15.23 3.53 7.48
N CYS B 25 -14.03 4.11 7.33
CA CYS B 25 -12.98 3.84 8.29
C CYS B 25 -13.30 4.46 9.65
N TYR B 26 -14.10 5.52 9.70
CA TYR B 26 -14.51 6.10 10.97
C TYR B 26 -15.41 5.14 11.75
N ILE B 27 -16.44 4.59 11.08
CA ILE B 27 -17.33 3.67 11.78
C ILE B 27 -16.61 2.36 12.10
N LEU B 28 -15.69 1.92 11.23
CA LEU B 28 -14.88 0.76 11.54
C LEU B 28 -14.02 1.02 12.78
N ASP B 29 -13.44 2.21 12.88
CA ASP B 29 -12.66 2.56 14.07
C ASP B 29 -13.54 2.59 15.32
N ALA B 30 -14.75 3.11 15.20
CA ALA B 30 -15.65 3.16 16.37
C ALA B 30 -15.99 1.77 16.86
N VAL B 31 -16.41 0.89 15.95
CA VAL B 31 -16.79 -0.47 16.36
C VAL B 31 -15.57 -1.23 16.86
N LEU B 32 -14.40 -0.99 16.26
CA LEU B 32 -13.20 -1.70 16.70
C LEU B 32 -12.71 -1.18 18.05
N PHE B 33 -12.90 0.11 18.33
CA PHE B 33 -12.58 0.64 19.65
C PHE B 33 -13.51 0.06 20.70
N LEU B 34 -14.80 -0.07 20.39
CA LEU B 34 -15.71 -0.73 21.33
C LEU B 34 -15.29 -2.17 21.57
N TYR B 35 -14.94 -2.89 20.50
CA TYR B 35 -14.49 -4.26 20.63
C TYR B 35 -13.22 -4.35 21.48
N GLY B 36 -12.28 -3.44 21.24
CA GLY B 36 -11.04 -3.44 22.00
C GLY B 36 -11.25 -3.11 23.46
N ILE B 37 -12.18 -2.20 23.76
CA ILE B 37 -12.50 -1.88 25.14
C ILE B 37 -13.11 -3.10 25.83
N VAL B 38 -14.02 -3.79 25.14
CA VAL B 38 -14.62 -4.99 25.72
C VAL B 38 -13.55 -6.05 25.97
N LEU B 39 -12.65 -6.25 24.99
CA LEU B 39 -11.59 -7.24 25.14
C LEU B 39 -10.64 -6.87 26.27
N THR B 40 -10.31 -5.58 26.40
CA THR B 40 -9.43 -5.15 27.48
C THR B 40 -10.07 -5.36 28.84
N LEU B 41 -11.37 -5.07 28.97
CA LEU B 41 -12.06 -5.30 30.23
C LEU B 41 -12.08 -6.80 30.57
N LEU B 42 -12.36 -7.64 29.57
CA LEU B 42 -12.37 -9.08 29.81
C LEU B 42 -10.97 -9.58 30.20
N TYR B 43 -9.94 -9.07 29.53
CA TYR B 43 -8.58 -9.46 29.86
C TYR B 43 -8.21 -9.02 31.27
N CYS B 44 -8.62 -7.82 31.66
CA CYS B 44 -8.34 -7.35 33.02
C CYS B 44 -9.03 -8.22 34.06
N ARG B 45 -10.29 -8.58 33.81
CA ARG B 45 -11.00 -9.45 34.74
C ARG B 45 -10.33 -10.82 34.84
N LEU B 46 -9.95 -11.39 33.70
CA LEU B 46 -9.30 -12.70 33.71
C LEU B 46 -7.94 -12.64 34.39
N LYS B 47 -7.19 -11.56 34.16
CA LYS B 47 -5.89 -11.41 34.81
C LYS B 47 -6.04 -11.25 36.31
N ILE B 48 -7.03 -10.50 36.76
CA ILE B 48 -7.28 -10.37 38.19
C ILE B 48 -7.63 -11.73 38.79
N GLN B 49 -8.49 -12.48 38.11
CA GLN B 49 -8.87 -13.80 38.61
C GLN B 49 -7.68 -14.74 38.69
N VAL B 50 -6.84 -14.76 37.65
CA VAL B 50 -5.71 -15.66 37.64
C VAL B 50 -4.66 -15.22 38.65
N ARG B 51 -4.50 -13.92 38.87
CA ARG B 51 -3.58 -13.45 39.90
C ARG B 51 -4.06 -13.84 41.29
N LYS B 52 -5.37 -13.73 41.54
CA LYS B 52 -5.92 -14.17 42.82
C LYS B 52 -5.72 -15.67 43.00
N ALA B 53 -5.93 -16.45 41.94
CA ALA B 53 -5.72 -17.89 42.02
C ALA B 53 -4.26 -18.22 42.31
N ALA B 54 -3.33 -17.53 41.66
CA ALA B 54 -1.91 -17.76 41.90
C ALA B 54 -1.53 -17.38 43.32
N ILE B 55 -2.06 -16.27 43.83
CA ILE B 55 -1.78 -15.86 45.20
C ILE B 55 -2.30 -16.89 46.19
N ALA B 56 -3.51 -17.39 45.95
CA ALA B 56 -4.06 -18.43 46.81
C ALA B 56 -3.25 -19.71 46.73
N SER B 57 -2.69 -20.02 45.56
CA SER B 57 -1.87 -21.21 45.42
C SER B 57 -0.56 -21.08 46.18
N ARG B 58 0.00 -19.89 46.26
CA ARG B 58 1.24 -19.66 46.99
C ARG B 58 1.01 -19.73 48.50
N GLY C 20 -5.78 16.91 4.43
CA GLY C 20 -6.64 17.27 5.53
C GLY C 20 -7.48 16.11 6.03
N GLU C 21 -8.33 15.58 5.15
CA GLU C 21 -9.19 14.45 5.50
C GLU C 21 -8.49 13.10 5.57
N PRO C 22 -7.50 12.77 4.68
CA PRO C 22 -6.99 11.40 4.71
C PRO C 22 -5.97 11.15 5.82
N GLN C 23 -5.27 12.21 6.25
CA GLN C 23 -4.26 12.05 7.29
C GLN C 23 -4.89 11.64 8.62
N LEU C 24 -6.10 12.12 8.91
CA LEU C 24 -6.78 11.73 10.14
C LEU C 24 -7.02 10.22 10.18
N CYS C 25 -7.55 9.66 9.09
CA CYS C 25 -7.76 8.22 9.04
C CYS C 25 -6.45 7.46 8.97
N TYR C 26 -5.40 8.06 8.38
CA TYR C 26 -4.07 7.45 8.37
C TYR C 26 -3.57 7.24 9.80
N ILE C 27 -3.59 8.31 10.59
CA ILE C 27 -3.13 8.23 11.97
C ILE C 27 -4.04 7.33 12.78
N LEU C 28 -5.34 7.36 12.48
CA LEU C 28 -6.30 6.49 13.17
C LEU C 28 -5.97 5.02 12.94
N ASP C 29 -5.72 4.65 11.68
CA ASP C 29 -5.37 3.27 11.37
C ASP C 29 -4.02 2.88 11.99
N ALA C 30 -3.07 3.80 12.00
CA ALA C 30 -1.76 3.51 12.59
C ALA C 30 -1.90 3.22 14.08
N VAL C 31 -2.64 4.08 14.80
CA VAL C 31 -2.80 3.86 16.24
C VAL C 31 -3.64 2.62 16.51
N LEU C 32 -4.63 2.33 15.65
CA LEU C 32 -5.40 1.09 15.80
C LEU C 32 -4.51 -0.13 15.66
N PHE C 33 -3.62 -0.12 14.67
CA PHE C 33 -2.71 -1.25 14.48
C PHE C 33 -1.76 -1.39 15.66
N LEU C 34 -1.25 -0.26 16.17
CA LEU C 34 -0.35 -0.30 17.32
C LEU C 34 -1.05 -0.90 18.54
N TYR C 35 -2.27 -0.43 18.82
CA TYR C 35 -3.02 -0.96 19.96
C TYR C 35 -3.35 -2.43 19.77
N GLY C 36 -3.71 -2.82 18.54
CA GLY C 36 -4.00 -4.22 18.28
C GLY C 36 -2.79 -5.11 18.48
N ILE C 37 -1.62 -4.65 18.03
CA ILE C 37 -0.40 -5.43 18.22
C ILE C 37 -0.07 -5.56 19.71
N VAL C 38 -0.21 -4.46 20.46
CA VAL C 38 0.06 -4.52 21.89
C VAL C 38 -0.90 -5.50 22.58
N LEU C 39 -2.19 -5.43 22.23
CA LEU C 39 -3.17 -6.34 22.81
C LEU C 39 -2.90 -7.79 22.43
N THR C 40 -2.48 -8.03 21.18
CA THR C 40 -2.18 -9.39 20.76
C THR C 40 -0.99 -9.95 21.52
N LEU C 41 0.06 -9.13 21.71
CA LEU C 41 1.19 -9.58 22.50
C LEU C 41 0.78 -9.87 23.94
N LEU C 42 -0.07 -9.01 24.51
CA LEU C 42 -0.54 -9.23 25.87
C LEU C 42 -1.34 -10.54 25.98
N TYR C 43 -2.21 -10.79 24.99
CA TYR C 43 -3.01 -12.01 25.02
C TYR C 43 -2.15 -13.24 24.81
N CYS C 44 -1.12 -13.15 23.96
CA CYS C 44 -0.21 -14.27 23.79
C CYS C 44 0.54 -14.56 25.08
N ARG C 45 0.98 -13.51 25.77
CA ARG C 45 1.65 -13.70 27.06
C ARG C 45 0.71 -14.34 28.07
N LEU C 46 -0.55 -13.89 28.10
CA LEU C 46 -1.53 -14.48 29.02
C LEU C 46 -1.78 -15.95 28.70
N LYS C 47 -1.89 -16.29 27.41
CA LYS C 47 -2.10 -17.67 27.02
C LYS C 47 -0.91 -18.54 27.41
N ILE C 48 0.31 -18.04 27.19
CA ILE C 48 1.49 -18.80 27.57
C ILE C 48 1.53 -19.01 29.08
N GLN C 49 1.23 -17.96 29.85
CA GLN C 49 1.26 -18.07 31.30
C GLN C 49 0.22 -19.07 31.79
N VAL C 50 -1.01 -19.00 31.25
CA VAL C 50 -2.06 -19.90 31.72
C VAL C 50 -1.77 -21.34 31.31
N ARG C 51 -1.20 -21.55 30.11
CA ARG C 51 -0.84 -22.90 29.70
C ARG C 51 0.26 -23.47 30.59
N LYS C 52 1.27 -22.65 30.90
CA LYS C 52 2.33 -23.10 31.78
C LYS C 52 1.80 -23.42 33.17
N ALA C 53 0.92 -22.58 33.72
CA ALA C 53 0.34 -22.85 35.02
C ALA C 53 -0.49 -24.12 35.02
N ALA C 54 -1.30 -24.32 33.97
CA ALA C 54 -2.13 -25.52 33.89
C ALA C 54 -1.27 -26.77 33.79
N ILE C 55 -0.23 -26.75 32.96
CA ILE C 55 0.59 -27.95 32.79
C ILE C 55 1.38 -28.22 34.07
N ALA C 56 1.86 -27.18 34.76
CA ALA C 56 2.55 -27.38 36.01
C ALA C 56 1.63 -27.96 37.08
N SER C 57 0.40 -27.45 37.17
CA SER C 57 -0.55 -27.97 38.14
C SER C 57 -0.91 -29.42 37.82
N ARG C 58 -1.11 -29.74 36.55
CA ARG C 58 -1.43 -31.12 36.18
C ARG C 58 -0.27 -32.07 36.48
N GLU C 59 0.96 -31.63 36.21
CA GLU C 59 2.12 -32.48 36.49
C GLU C 59 2.31 -32.67 37.99
N LYS C 60 2.13 -31.61 38.79
CA LYS C 60 2.36 -31.72 40.22
C LYS C 60 1.26 -32.53 40.91
N ALA C 61 -0.01 -32.28 40.56
CA ALA C 61 -1.10 -32.99 41.19
C ALA C 61 -1.16 -34.45 40.75
N ASP C 62 -0.97 -34.70 39.45
CA ASP C 62 -1.03 -36.05 38.91
C ASP C 62 0.37 -36.62 38.71
N GLN D 40 17.10 -14.61 40.65
CA GLN D 40 18.27 -14.68 39.78
C GLN D 40 18.00 -13.98 38.45
N THR D 41 17.47 -12.75 38.55
CA THR D 41 17.12 -11.88 37.42
C THR D 41 16.67 -12.65 36.18
N TRP D 42 17.35 -12.43 35.04
CA TRP D 42 16.90 -13.02 33.79
C TRP D 42 17.00 -14.55 33.81
N ARG D 43 17.94 -15.10 34.59
CA ARG D 43 18.08 -16.55 34.66
C ARG D 43 16.79 -17.20 35.13
N THR D 44 16.07 -16.55 36.05
CA THR D 44 14.77 -17.04 36.49
C THR D 44 13.62 -16.47 35.67
N PHE D 45 13.80 -15.29 35.07
CA PHE D 45 12.72 -14.67 34.31
C PHE D 45 12.50 -15.34 32.96
N LEU D 46 13.51 -16.01 32.42
CA LEU D 46 13.45 -16.50 31.04
C LEU D 46 12.38 -17.57 30.83
N LYS D 47 11.97 -18.28 31.88
CA LYS D 47 11.14 -19.47 31.73
C LYS D 47 9.87 -19.19 30.92
N LYS D 48 9.26 -18.02 31.11
CA LYS D 48 8.11 -17.62 30.32
C LYS D 48 8.44 -16.63 29.21
N GLU D 49 9.49 -15.83 29.41
CA GLU D 49 9.86 -14.83 28.41
C GLU D 49 10.28 -15.49 27.10
N LEU D 50 10.94 -16.65 27.17
CA LEU D 50 11.36 -17.33 25.95
C LEU D 50 10.15 -17.69 25.09
N GLU D 51 9.13 -18.30 25.69
CA GLU D 51 7.92 -18.64 24.96
C GLU D 51 7.19 -17.40 24.47
N PHE D 52 7.14 -16.36 25.31
CA PHE D 52 6.43 -15.14 24.93
C PHE D 52 7.09 -14.49 23.70
N LEU D 53 8.43 -14.40 23.71
CA LEU D 53 9.12 -13.78 22.59
C LEU D 53 9.09 -14.67 21.36
N GLY D 54 9.06 -16.00 21.54
CA GLY D 54 8.86 -16.88 20.40
C GLY D 54 7.50 -16.68 19.74
N ALA D 55 6.45 -16.55 20.55
CA ALA D 55 5.13 -16.25 20.00
C ALA D 55 5.12 -14.89 19.31
N THR D 56 5.80 -13.90 19.89
CA THR D 56 5.90 -12.60 19.26
C THR D 56 6.59 -12.70 17.90
N GLN D 57 7.67 -13.48 17.82
CA GLN D 57 8.37 -13.68 16.56
C GLN D 57 7.46 -14.34 15.53
N ILE D 58 6.69 -15.36 15.96
CA ILE D 58 5.77 -16.02 15.05
C ILE D 58 4.74 -15.03 14.51
N LEU D 59 4.18 -14.22 15.40
CA LEU D 59 3.17 -13.23 14.98
C LEU D 59 3.77 -12.22 14.00
N VAL D 60 4.98 -11.73 14.31
CA VAL D 60 5.63 -10.75 13.43
C VAL D 60 5.90 -11.35 12.07
N GLY D 61 6.38 -12.60 12.04
CA GLY D 61 6.62 -13.26 10.77
C GLY D 61 5.33 -13.45 9.97
N LEU D 62 4.24 -13.80 10.66
CA LEU D 62 2.96 -13.97 9.96
C LEU D 62 2.49 -12.65 9.35
N ILE D 63 2.59 -11.56 10.11
CA ILE D 63 2.16 -10.26 9.57
C ILE D 63 3.06 -9.83 8.42
N CYS D 64 4.38 -10.07 8.53
CA CYS D 64 5.29 -9.72 7.44
C CYS D 64 4.97 -10.52 6.18
N LEU D 65 4.68 -11.81 6.34
CA LEU D 65 4.32 -12.63 5.18
C LEU D 65 3.02 -12.14 4.55
N CYS D 66 2.03 -11.78 5.38
CA CYS D 66 0.78 -11.26 4.86
C CYS D 66 1.00 -9.98 4.07
N PHE D 67 1.79 -9.06 4.63
CA PHE D 67 2.10 -7.82 3.94
C PHE D 67 2.80 -8.09 2.61
N GLY D 68 3.80 -8.96 2.61
CA GLY D 68 4.51 -9.26 1.39
C GLY D 68 3.62 -9.87 0.33
N THR D 69 2.78 -10.82 0.73
CA THR D 69 1.87 -11.45 -0.23
C THR D 69 0.89 -10.43 -0.81
N ILE D 70 0.32 -9.57 0.05
CA ILE D 70 -0.65 -8.59 -0.42
C ILE D 70 0.00 -7.63 -1.40
N VAL D 71 1.19 -7.12 -1.06
CA VAL D 71 1.86 -6.15 -1.93
C VAL D 71 2.26 -6.80 -3.25
N CYS D 72 2.81 -8.02 -3.19
CA CYS D 72 3.21 -8.69 -4.42
C CYS D 72 2.02 -9.01 -5.32
N SER D 73 0.86 -9.32 -4.72
CA SER D 73 -0.32 -9.62 -5.52
C SER D 73 -0.95 -8.37 -6.11
N VAL D 74 -0.90 -7.25 -5.37
CA VAL D 74 -1.64 -6.05 -5.76
C VAL D 74 -0.72 -4.98 -6.31
N LEU D 75 0.37 -4.66 -5.59
CA LEU D 75 1.18 -3.48 -5.88
C LEU D 75 2.49 -3.83 -6.59
N TYR D 76 2.47 -4.83 -7.47
CA TYR D 76 3.65 -5.23 -8.23
C TYR D 76 3.43 -5.07 -9.72
N VAL D 77 2.86 -3.94 -10.12
CA VAL D 77 2.62 -3.65 -11.53
C VAL D 77 3.82 -2.90 -12.09
N SER D 78 3.96 -2.94 -13.42
CA SER D 78 5.08 -2.30 -14.08
C SER D 78 4.92 -0.79 -14.20
N ASP D 79 3.71 -0.27 -14.02
CA ASP D 79 3.50 1.17 -14.14
C ASP D 79 4.24 1.93 -13.05
N PHE D 80 4.23 1.43 -11.82
CA PHE D 80 4.90 2.09 -10.72
C PHE D 80 6.41 1.86 -10.79
N ASP D 81 7.15 2.79 -10.20
CA ASP D 81 8.61 2.75 -10.26
C ASP D 81 9.16 1.67 -9.32
N GLU D 82 10.45 1.38 -9.48
CA GLU D 82 11.12 0.34 -8.69
C GLU D 82 11.78 0.88 -7.42
N GLU D 83 12.24 2.13 -7.44
CA GLU D 83 12.91 2.68 -6.27
C GLU D 83 11.96 2.84 -5.09
N VAL D 84 10.70 3.17 -5.35
CA VAL D 84 9.73 3.33 -4.25
C VAL D 84 9.48 1.99 -3.57
N LEU D 85 9.47 0.90 -4.33
CA LEU D 85 9.30 -0.44 -3.78
C LEU D 85 10.67 -1.11 -3.59
N LEU D 86 11.47 -0.51 -2.71
CA LEU D 86 12.81 -1.05 -2.45
C LEU D 86 12.74 -2.37 -1.71
N LEU D 87 11.85 -2.47 -0.70
CA LEU D 87 11.70 -3.71 0.03
C LEU D 87 11.17 -4.84 -0.86
N TYR D 88 10.20 -4.53 -1.71
CA TYR D 88 9.59 -5.53 -2.59
C TYR D 88 10.31 -5.63 -3.92
N LYS D 89 11.63 -5.79 -3.87
CA LYS D 89 12.43 -5.98 -5.07
C LYS D 89 13.51 -7.05 -4.93
N LEU D 90 13.99 -7.34 -3.73
CA LEU D 90 15.02 -8.35 -3.52
C LEU D 90 14.50 -9.60 -2.83
N GLY D 91 13.18 -9.73 -2.68
CA GLY D 91 12.62 -10.86 -1.96
C GLY D 91 12.79 -10.80 -0.47
N TYR D 92 13.07 -9.63 0.09
CA TYR D 92 13.26 -9.52 1.54
C TYR D 92 12.05 -9.92 2.35
N PRO D 93 10.82 -9.47 2.05
CA PRO D 93 9.68 -9.83 2.93
C PRO D 93 9.48 -11.33 3.08
N PHE D 94 9.44 -12.07 1.97
CA PHE D 94 9.19 -13.51 2.05
C PHE D 94 10.33 -14.23 2.78
N TRP D 95 11.57 -13.89 2.46
CA TRP D 95 12.71 -14.54 3.10
C TRP D 95 12.73 -14.26 4.60
N GLY D 96 12.50 -13.00 4.98
CA GLY D 96 12.47 -12.66 6.40
C GLY D 96 11.32 -13.32 7.14
N ALA D 97 10.15 -13.38 6.51
CA ALA D 97 9.01 -14.05 7.14
C ALA D 97 9.28 -15.54 7.32
N VAL D 98 9.89 -16.18 6.32
CA VAL D 98 10.21 -17.59 6.43
C VAL D 98 11.22 -17.82 7.55
N LEU D 99 12.26 -16.98 7.62
CA LEU D 99 13.25 -17.13 8.68
C LEU D 99 12.63 -16.93 10.05
N PHE D 100 11.79 -15.90 10.20
CA PHE D 100 11.15 -15.65 11.49
C PHE D 100 10.24 -16.79 11.90
N VAL D 101 9.45 -17.32 10.94
CA VAL D 101 8.55 -18.42 11.26
C VAL D 101 9.34 -19.66 11.67
N LEU D 102 10.40 -19.96 10.93
CA LEU D 102 11.21 -21.13 11.26
C LEU D 102 11.86 -20.99 12.64
N SER D 103 12.41 -19.81 12.93
CA SER D 103 13.05 -19.60 14.22
C SER D 103 12.05 -19.69 15.36
N GLY D 104 10.87 -19.08 15.18
CA GLY D 104 9.86 -19.15 16.22
C GLY D 104 9.35 -20.55 16.46
N PHE D 105 9.14 -21.31 15.36
CA PHE D 105 8.68 -22.69 15.51
C PHE D 105 9.74 -23.54 16.21
N LEU D 106 11.01 -23.36 15.85
CA LEU D 106 12.07 -24.11 16.52
C LEU D 106 12.15 -23.74 18.00
N SER D 107 12.00 -22.46 18.32
CA SER D 107 12.03 -22.05 19.72
C SER D 107 10.87 -22.64 20.50
N ILE D 108 9.67 -22.64 19.90
CA ILE D 108 8.49 -23.18 20.57
C ILE D 108 8.66 -24.68 20.81
N ILE D 109 9.16 -25.41 19.81
CA ILE D 109 9.37 -26.84 19.98
C ILE D 109 10.42 -27.11 21.04
N SER D 110 11.50 -26.33 21.04
CA SER D 110 12.57 -26.53 22.01
C SER D 110 12.12 -26.21 23.43
N GLU D 111 11.19 -25.27 23.58
CA GLU D 111 10.71 -24.91 24.91
C GLU D 111 9.99 -26.05 25.60
N ARG D 112 9.57 -27.07 24.85
CA ARG D 112 8.95 -28.26 25.42
C ARG D 112 9.98 -29.34 25.73
N LYS D 113 11.26 -29.05 25.57
CA LYS D 113 12.36 -29.98 25.85
C LYS D 113 12.23 -31.25 25.01
N ASN D 114 12.33 -31.05 23.69
CA ASN D 114 12.23 -32.14 22.72
C ASN D 114 13.64 -32.61 22.36
N THR D 115 14.00 -33.81 22.82
CA THR D 115 15.24 -34.49 22.49
C THR D 115 16.48 -33.75 23.00
N LEU D 116 16.28 -32.61 23.66
CA LEU D 116 17.37 -31.83 24.26
C LEU D 116 18.44 -31.48 23.22
N TYR D 117 18.01 -31.21 21.98
CA TYR D 117 18.93 -30.91 20.90
C TYR D 117 18.58 -29.63 20.14
N LEU D 118 17.30 -29.26 20.09
CA LEU D 118 16.87 -28.11 19.30
C LEU D 118 17.32 -26.78 19.89
N VAL D 119 17.90 -26.77 21.08
CA VAL D 119 18.34 -25.51 21.69
C VAL D 119 19.42 -24.86 20.82
N ARG D 120 20.40 -25.64 20.39
CA ARG D 120 21.48 -25.08 19.57
C ARG D 120 20.97 -24.65 18.20
N GLY D 121 20.06 -25.44 17.61
CA GLY D 121 19.50 -25.04 16.33
C GLY D 121 18.70 -23.76 16.41
N SER D 122 17.90 -23.61 17.46
CA SER D 122 17.15 -22.37 17.66
C SER D 122 18.09 -21.19 17.91
N LEU D 123 19.16 -21.42 18.68
CA LEU D 123 20.13 -20.36 18.92
C LEU D 123 20.77 -19.89 17.63
N GLY D 124 21.18 -20.83 16.77
CA GLY D 124 21.75 -20.45 15.49
C GLY D 124 20.75 -19.77 14.57
N ALA D 125 19.51 -20.26 14.56
CA ALA D 125 18.48 -19.66 13.73
C ALA D 125 18.23 -18.22 14.14
N ASN D 126 18.14 -17.96 15.44
CA ASN D 126 17.94 -16.59 15.91
C ASN D 126 19.20 -15.74 15.75
N ILE D 127 20.39 -16.34 15.80
CA ILE D 127 21.61 -15.60 15.53
C ILE D 127 21.61 -15.08 14.09
N VAL D 128 21.28 -15.95 13.14
CA VAL D 128 21.22 -15.50 11.75
C VAL D 128 20.02 -14.58 11.54
N SER D 129 18.94 -14.77 12.30
CA SER D 129 17.79 -13.87 12.21
C SER D 129 18.13 -12.48 12.70
N SER D 130 19.09 -12.35 13.61
CA SER D 130 19.54 -11.02 14.03
C SER D 130 20.15 -10.25 12.87
N ILE D 131 21.02 -10.91 12.10
CA ILE D 131 21.60 -10.27 10.92
C ILE D 131 20.53 -10.01 9.88
N ALA D 132 19.57 -10.93 9.73
CA ALA D 132 18.47 -10.72 8.79
C ALA D 132 17.66 -9.49 9.19
N ALA D 133 17.39 -9.32 10.48
CA ALA D 133 16.63 -8.16 10.95
C ALA D 133 17.43 -6.88 10.79
N GLY D 134 18.75 -6.93 10.99
CA GLY D 134 19.57 -5.75 10.73
C GLY D 134 19.54 -5.33 9.27
N THR D 135 19.67 -6.30 8.37
CA THR D 135 19.56 -6.00 6.94
C THR D 135 18.18 -5.47 6.60
N GLY D 136 17.15 -6.03 7.21
CA GLY D 136 15.80 -5.53 6.99
C GLY D 136 15.62 -4.11 7.49
N ILE D 137 16.24 -3.78 8.61
CA ILE D 137 16.19 -2.41 9.12
C ILE D 137 16.89 -1.45 8.18
N ALA D 138 18.04 -1.86 7.64
CA ALA D 138 18.75 -1.02 6.66
C ALA D 138 17.90 -0.79 5.42
N MET D 139 17.29 -1.87 4.90
CA MET D 139 16.41 -1.73 3.75
C MET D 139 15.21 -0.85 4.08
N LEU D 140 14.67 -0.99 5.29
CA LEU D 140 13.51 -0.21 5.69
C LEU D 140 13.83 1.28 5.76
N ILE D 141 14.99 1.64 6.32
CA ILE D 141 15.35 3.05 6.40
C ILE D 141 15.68 3.61 5.01
N LEU D 142 16.29 2.78 4.14
CA LEU D 142 16.51 3.22 2.77
C LEU D 142 15.20 3.49 2.06
N ASN D 143 14.22 2.58 2.21
CA ASN D 143 12.92 2.79 1.59
C ASN D 143 12.21 3.99 2.20
N LEU D 144 12.38 4.21 3.51
CA LEU D 144 11.75 5.35 4.17
C LEU D 144 12.29 6.67 3.64
N THR D 145 13.62 6.77 3.48
CA THR D 145 14.16 8.02 2.95
C THR D 145 13.83 8.20 1.46
N ASN D 146 13.78 7.11 0.69
CA ASN D 146 13.36 7.21 -0.70
C ASN D 146 11.92 7.69 -0.80
N ASN D 147 11.03 7.15 0.04
CA ASN D 147 9.64 7.59 0.05
C ASN D 147 9.49 9.01 0.55
N PHE D 148 10.32 9.43 1.50
CA PHE D 148 10.31 10.83 1.93
C PHE D 148 10.70 11.75 0.79
N ALA D 149 11.73 11.37 0.01
CA ALA D 149 12.10 12.16 -1.15
C ALA D 149 10.97 12.21 -2.17
N TYR D 150 10.31 11.07 -2.41
CA TYR D 150 9.20 11.05 -3.36
C TYR D 150 8.05 11.92 -2.89
N MET D 151 7.72 11.87 -1.60
CA MET D 151 6.66 12.72 -1.07
C MET D 151 7.03 14.19 -1.11
N ASN D 152 8.32 14.51 -0.93
CA ASN D 152 8.77 15.88 -1.14
C ASN D 152 8.58 16.30 -2.60
N ASN D 153 8.79 15.36 -3.54
CA ASN D 153 8.49 15.65 -4.94
C ASN D 153 7.00 15.88 -5.14
N CYS D 154 6.16 15.09 -4.47
CA CYS D 154 4.72 15.33 -4.53
C CYS D 154 4.38 16.68 -3.90
N LYS D 155 3.43 17.38 -4.51
CA LYS D 155 3.06 18.72 -4.06
C LYS D 155 1.64 18.83 -3.56
N ASN D 156 0.67 18.25 -4.27
CA ASN D 156 -0.74 18.39 -3.93
C ASN D 156 -1.23 17.29 -2.99
N VAL D 157 -0.33 16.48 -2.43
CA VAL D 157 -0.65 15.41 -1.50
C VAL D 157 -1.57 14.39 -2.17
N THR D 158 -0.98 13.36 -2.75
CA THR D 158 -1.71 12.30 -3.46
C THR D 158 -2.56 12.88 -4.59
N GLU D 159 -1.88 13.52 -5.53
CA GLU D 159 -2.52 14.09 -6.70
C GLU D 159 -2.58 13.12 -7.88
N ASP D 160 -2.05 11.91 -7.70
CA ASP D 160 -2.09 10.90 -8.76
C ASP D 160 -1.91 9.53 -8.10
N ASP D 161 -1.85 8.50 -8.94
CA ASP D 161 -1.66 7.14 -8.42
C ASP D 161 -0.28 6.99 -7.78
N GLY D 162 0.74 7.63 -8.34
CA GLY D 162 2.09 7.45 -7.85
C GLY D 162 2.26 7.94 -6.42
N CYS D 163 1.76 9.14 -6.12
CA CYS D 163 1.89 9.67 -4.76
C CYS D 163 1.07 8.86 -3.77
N PHE D 164 -0.10 8.40 -4.18
CA PHE D 164 -0.93 7.58 -3.28
C PHE D 164 -0.26 6.25 -2.97
N VAL D 165 0.29 5.58 -3.98
CA VAL D 165 0.96 4.31 -3.71
C VAL D 165 2.25 4.54 -2.94
N ALA D 166 2.90 5.70 -3.13
CA ALA D 166 4.06 6.02 -2.30
C ALA D 166 3.66 6.19 -0.84
N SER D 167 2.53 6.86 -0.57
CA SER D 167 2.04 6.99 0.80
C SER D 167 1.70 5.63 1.39
N PHE D 168 1.06 4.76 0.60
CA PHE D 168 0.76 3.42 1.08
C PHE D 168 2.05 2.65 1.36
N THR D 169 3.05 2.79 0.51
CA THR D 169 4.32 2.12 0.70
C THR D 169 5.03 2.61 1.96
N THR D 170 4.97 3.92 2.23
CA THR D 170 5.61 4.43 3.44
C THR D 170 4.83 4.05 4.70
N GLU D 171 3.51 3.91 4.62
CA GLU D 171 2.75 3.36 5.73
C GLU D 171 3.18 1.92 6.01
N LEU D 172 3.32 1.13 4.94
CA LEU D 172 3.83 -0.24 5.09
C LEU D 172 5.24 -0.23 5.67
N VAL D 173 6.05 0.74 5.26
CA VAL D 173 7.42 0.83 5.74
C VAL D 173 7.44 1.10 7.24
N LEU D 174 6.60 2.03 7.71
CA LEU D 174 6.53 2.30 9.13
C LEU D 174 6.05 1.08 9.91
N MET D 175 5.01 0.41 9.40
CA MET D 175 4.49 -0.77 10.09
C MET D 175 5.54 -1.88 10.15
N MET D 176 6.21 -2.13 9.04
CA MET D 176 7.25 -3.14 8.99
C MET D 176 8.45 -2.77 9.85
N LEU D 177 8.75 -1.46 9.97
CA LEU D 177 9.83 -1.03 10.85
C LEU D 177 9.49 -1.32 12.30
N PHE D 178 8.25 -1.04 12.71
CA PHE D 178 7.84 -1.37 14.07
C PHE D 178 7.91 -2.88 14.32
N LEU D 179 7.40 -3.65 13.36
CA LEU D 179 7.41 -5.11 13.51
C LEU D 179 8.84 -5.65 13.54
N THR D 180 9.73 -5.09 12.71
CA THR D 180 11.11 -5.53 12.68
C THR D 180 11.86 -5.13 13.95
N ILE D 181 11.54 -3.97 14.53
CA ILE D 181 12.13 -3.61 15.82
C ILE D 181 11.70 -4.60 16.88
N LEU D 182 10.42 -4.95 16.90
CA LEU D 182 9.94 -5.94 17.87
C LEU D 182 10.63 -7.29 17.65
N ALA D 183 10.75 -7.72 16.40
CA ALA D 183 11.37 -9.00 16.09
C ALA D 183 12.85 -9.00 16.45
N PHE D 184 13.54 -7.89 16.20
CA PHE D 184 14.96 -7.79 16.55
C PHE D 184 15.16 -7.83 18.06
N CYS D 185 14.29 -7.14 18.81
CA CYS D 185 14.36 -7.24 20.26
C CYS D 185 14.13 -8.67 20.74
N SER D 186 13.14 -9.35 20.15
CA SER D 186 12.89 -10.75 20.50
C SER D 186 14.10 -11.61 20.20
N ALA D 187 14.69 -11.44 19.02
CA ALA D 187 15.83 -12.26 18.61
C ALA D 187 17.04 -12.01 19.51
N VAL D 188 17.32 -10.75 19.83
CA VAL D 188 18.49 -10.45 20.66
C VAL D 188 18.29 -10.98 22.08
N LEU D 189 17.06 -10.85 22.61
CA LEU D 189 16.80 -11.40 23.93
C LEU D 189 16.96 -12.91 23.96
N PHE D 190 16.40 -13.59 22.95
CA PHE D 190 16.52 -15.05 22.90
C PHE D 190 17.97 -15.48 22.73
N THR D 191 18.73 -14.78 21.89
CA THR D 191 20.12 -15.15 21.67
C THR D 191 20.97 -14.95 22.92
N ILE D 192 20.77 -13.83 23.63
CA ILE D 192 21.56 -13.61 24.83
C ILE D 192 21.17 -14.60 25.92
N TYR D 193 19.88 -14.94 26.01
CA TYR D 193 19.45 -15.94 26.99
C TYR D 193 20.08 -17.30 26.68
N ARG D 194 20.06 -17.71 25.41
CA ARG D 194 20.63 -19.00 25.06
C ARG D 194 22.15 -19.02 25.21
N ILE D 195 22.81 -17.89 24.96
CA ILE D 195 24.25 -17.80 25.19
C ILE D 195 24.55 -17.95 26.68
N GLY D 196 23.75 -17.28 27.53
CA GLY D 196 23.92 -17.46 28.96
C GLY D 196 23.70 -18.88 29.42
N GLN D 197 22.68 -19.54 28.86
CA GLN D 197 22.43 -20.94 29.22
C GLN D 197 23.56 -21.85 28.77
N GLU D 198 24.09 -21.65 27.56
CA GLU D 198 25.08 -22.55 27.02
C GLU D 198 26.47 -22.32 27.58
N LEU D 199 26.69 -21.26 28.34
CA LEU D 199 27.98 -21.03 29.01
C LEU D 199 28.09 -21.86 30.29
C1 NAG E . -1.94 -2.26 -24.48
C2 NAG E . -2.12 -3.02 -25.79
C3 NAG E . -2.85 -2.15 -26.83
C4 NAG E . -4.16 -1.62 -26.25
C5 NAG E . -3.86 -0.86 -24.96
C6 NAG E . -5.10 -0.35 -24.26
C7 NAG E . -0.71 -4.54 -27.10
C8 NAG E . 0.69 -4.86 -27.55
N2 NAG E . -0.84 -3.46 -26.33
O3 NAG E . -3.11 -2.92 -28.00
O4 NAG E . -4.81 -0.79 -27.19
O5 NAG E . -3.20 -1.74 -24.04
O6 NAG E . -4.79 0.72 -23.38
O7 NAG E . -1.66 -5.25 -27.42
C1 NAG E . -6.16 -1.29 -27.41
C2 NAG E . -7.05 -0.13 -27.86
C3 NAG E . -8.12 -0.63 -28.83
C4 NAG E . -7.45 -1.12 -30.12
C5 NAG E . -6.31 -2.09 -29.80
C6 NAG E . -4.95 -1.56 -30.24
C7 NAG E . -7.96 1.83 -26.70
C8 NAG E . -8.59 2.34 -25.44
N2 NAG E . -7.67 0.52 -26.73
O3 NAG E . -9.02 0.42 -29.13
O4 NAG E . -8.38 -1.75 -30.98
O5 NAG E . -6.23 -2.40 -28.41
O6 NAG E . -4.04 -2.63 -30.47
O7 NAG E . -7.72 2.57 -27.65
C1 BMA E . -9.48 -2.42 -30.32
C2 BMA E . -10.60 -2.67 -31.37
C3 BMA E . -11.74 -3.47 -30.74
C4 BMA E . -11.21 -4.71 -29.99
C5 BMA E . -10.14 -4.29 -28.98
C6 BMA E . -9.55 -5.46 -28.22
O2 BMA E . -10.10 -3.43 -32.46
O3 BMA E . -12.69 -3.86 -31.72
O4 BMA E . -12.29 -5.34 -29.30
O5 BMA E . -9.07 -3.64 -29.70
O6 BMA E . -8.84 -4.95 -27.09
C1 NAG F . -11.59 5.77 -26.35
C2 NAG F . -12.56 5.95 -25.18
C3 NAG F . -13.73 4.97 -25.29
C4 NAG F . -14.38 5.09 -26.67
C5 NAG F . -13.35 4.96 -27.78
C6 NAG F . -13.92 5.21 -29.15
C7 NAG F . -11.28 4.67 -23.48
C8 NAG F . -10.65 4.73 -22.13
N2 NAG F . -11.89 5.80 -23.89
O3 NAG F . -14.67 5.23 -24.27
O4 NAG F . -15.35 4.05 -26.82
O5 NAG F . -12.30 5.93 -27.58
O6 NAG F . -13.28 4.40 -30.13
O7 NAG F . -11.24 3.65 -24.17
C1 NAG F . -16.67 4.62 -26.79
C2 NAG F . -17.57 3.79 -27.73
C3 NAG F . -19.00 4.32 -27.70
C4 NAG F . -19.50 4.37 -26.26
C5 NAG F . -18.54 5.16 -25.39
C6 NAG F . -18.92 5.15 -23.93
C7 NAG F . -16.66 2.73 -29.75
C8 NAG F . -16.16 2.93 -31.14
N2 NAG F . -17.05 3.82 -29.10
O3 NAG F . -19.83 3.47 -28.48
O4 NAG F . -20.80 4.97 -26.21
O5 NAG F . -17.23 4.60 -25.48
O6 NAG F . -18.91 6.46 -23.38
O7 NAG F . -16.71 1.60 -29.23
C1 BMA F . -21.77 3.97 -25.85
C2 BMA F . -23.15 4.66 -25.72
C3 BMA F . -24.25 3.62 -25.50
C4 BMA F . -24.15 2.47 -26.52
C5 BMA F . -22.73 1.87 -26.50
C6 BMA F . -22.55 0.75 -27.51
O2 BMA F . -23.47 5.34 -26.92
O3 BMA F . -25.54 4.20 -25.54
O4 BMA F . -25.10 1.46 -26.20
O5 BMA F . -21.81 2.91 -26.82
O6 BMA F . -23.59 -0.21 -27.32
C1 NAG G . 19.74 5.75 -27.79
C2 NAG G . 20.28 7.00 -28.49
C3 NAG G . 21.14 6.61 -29.68
C4 NAG G . 22.23 5.64 -29.24
C5 NAG G . 21.62 4.45 -28.52
C6 NAG G . 22.66 3.51 -27.94
C7 NAG G . 19.27 9.21 -28.88
C8 NAG G . 18.06 9.95 -29.35
N2 NAG G . 19.19 7.87 -28.90
O3 NAG G . 21.73 7.78 -30.24
O4 NAG G . 22.95 5.17 -30.38
O5 NAG G . 20.82 4.91 -27.41
O6 NAG G . 23.12 3.95 -26.67
O7 NAG G . 20.27 9.78 -28.50
C1 NAG H . -25.22 20.66 -10.50
C2 NAG H . -25.81 21.94 -9.88
C3 NAG H . -27.04 21.62 -9.04
C4 NAG H . -28.05 20.81 -9.84
C5 NAG H . -27.38 19.58 -10.44
C6 NAG H . -28.30 18.80 -11.35
C7 NAG H . -24.81 23.94 -8.86
C8 NAG H . -23.70 24.48 -8.00
N2 NAG H . -24.80 22.63 -9.08
O3 NAG H . -27.62 22.82 -8.57
O4 NAG H . -29.13 20.42 -9.02
O5 NAG H . -26.25 19.96 -11.23
O6 NAG H . -28.04 19.08 -12.71
O7 NAG H . -25.67 24.67 -9.34
C1 NAG I . -18.68 29.39 -24.53
C2 NAG I . -18.54 29.85 -23.08
C3 NAG I . -17.98 31.27 -23.01
C4 NAG I . -16.69 31.36 -23.81
C5 NAG I . -16.91 30.85 -25.23
C6 NAG I . -15.63 30.80 -26.04
C7 NAG I . -20.92 30.43 -22.70
C8 NAG I . -22.12 30.19 -21.83
N2 NAG I . -19.82 29.76 -22.36
O3 NAG I . -17.74 31.62 -21.66
O4 NAG I . -16.25 32.71 -23.86
O5 NAG I . -17.42 29.50 -25.19
O6 NAG I . -15.74 31.59 -27.22
O7 NAG I . -20.96 31.20 -23.65
#